data_4W82
#
_entry.id   4W82
#
_cell.length_a   42.310
_cell.length_b   59.040
_cell.length_c   61.430
_cell.angle_alpha   94.960
_cell.angle_beta   101.110
_cell.angle_gamma   95.090
#
_symmetry.space_group_name_H-M   'P 1'
#
loop_
_entity.id
_entity.type
_entity.pdbx_description
1 polymer 'Fatty acid synthase'
2 non-polymer 'CHLORIDE ION'
3 non-polymer 'MAGNESIUM ION'
4 non-polymer 'SODIUM ION'
5 water water
#
_entity_poly.entity_id   1
_entity_poly.type   'polypeptide(L)'
_entity_poly.pdbx_seq_one_letter_code
;AHAFVSTLTRGDLSSIRWVCSSLRHAQPTCPGAQLCTVYYASLNFRDIMLATGKLSPDAIPGKWTSQDSLLGMEFSGRDA
SGKRVMGLVPAKGLATSVLLSPDFLWDVPSNWTLEEAASVPVVYSTAYYALVVRGRVRPGETLLIHSGSGGVGQAAIAIA
LSLGCRVFTTVGSAEKRAYLQARFPQLDSTSFANSRDTSFEQHVLWHTGGKGVDLVLNSLAEEKLQASVRCLATHGRFLE
IGKFDLSQNHPLGMAIFLKNVTFHGVLLDAFFNESSADWREVWALVQAGIRDGVVRPLKCTVFHGAQVEDAFRYMAQGKH
IGKVVVQVLAEEPEAVLKG
;
_entity_poly.pdbx_strand_id   A,B
#
loop_
_chem_comp.id
_chem_comp.type
_chem_comp.name
_chem_comp.formula
CL non-polymer 'CHLORIDE ION' 'Cl -1'
MG non-polymer 'MAGNESIUM ION' 'Mg 2'
NA non-polymer 'SODIUM ION' 'Na 1'
#
# COMPACT_ATOMS: atom_id res chain seq x y z
N HIS A 2 15.18 10.66 40.49
CA HIS A 2 14.60 9.99 39.32
C HIS A 2 13.70 8.83 39.75
N ALA A 3 12.48 8.76 39.20
CA ALA A 3 11.62 7.61 39.45
C ALA A 3 10.85 7.25 38.19
N PHE A 4 10.45 5.98 38.09
CA PHE A 4 9.65 5.52 36.97
C PHE A 4 8.58 4.52 37.39
N VAL A 5 7.55 4.38 36.56
CA VAL A 5 6.48 3.43 36.86
C VAL A 5 6.80 2.06 36.29
N SER A 6 6.61 1.04 37.10
CA SER A 6 6.81 -0.34 36.67
C SER A 6 5.74 -1.22 37.27
N THR A 7 5.32 -2.23 36.52
CA THR A 7 4.50 -3.29 37.05
C THR A 7 5.43 -4.36 37.60
N LEU A 8 5.44 -4.56 38.92
CA LEU A 8 6.41 -5.45 39.53
C LEU A 8 6.13 -6.89 39.11
N THR A 9 4.86 -7.18 38.86
CA THR A 9 4.45 -8.48 38.36
C THR A 9 3.66 -8.33 37.05
N ARG A 10 4.22 -8.85 35.96
CA ARG A 10 3.58 -8.80 34.65
C ARG A 10 2.12 -9.25 34.75
N GLY A 11 1.23 -8.40 34.25
CA GLY A 11 -0.19 -8.74 34.15
C GLY A 11 -1.02 -8.42 35.37
N ASP A 12 -0.37 -7.88 36.40
CA ASP A 12 -1.06 -7.53 37.64
C ASP A 12 -0.99 -6.02 37.89
N LEU A 13 -2.09 -5.32 37.60
CA LEU A 13 -2.13 -3.86 37.76
C LEU A 13 -1.92 -3.44 39.20
N SER A 14 -2.20 -4.35 40.13
CA SER A 14 -2.02 -4.04 41.54
C SER A 14 -0.54 -3.94 41.88
N SER A 15 0.32 -4.44 40.99
CA SER A 15 1.77 -4.37 41.19
C SER A 15 2.41 -3.09 40.63
N ILE A 16 1.58 -2.18 40.12
CA ILE A 16 2.06 -0.90 39.59
C ILE A 16 2.60 -0.02 40.71
N ARG A 17 3.85 0.43 40.57
CA ARG A 17 4.48 1.28 41.57
C ARG A 17 5.45 2.23 40.90
N TRP A 18 5.67 3.39 41.53
CA TRP A 18 6.81 4.24 41.24
C TRP A 18 8.07 3.59 41.82
N VAL A 19 9.14 3.58 41.04
CA VAL A 19 10.40 2.98 41.48
C VAL A 19 11.47 4.05 41.36
N CYS A 20 12.12 4.35 42.48
N CYS A 20 12.11 4.35 42.50
CA CYS A 20 13.19 5.34 42.50
CA CYS A 20 13.19 5.32 42.51
C CYS A 20 14.49 4.82 41.89
C CYS A 20 14.43 4.75 41.87
N SER A 21 15.21 5.74 41.23
N SER A 21 15.19 5.62 41.21
CA SER A 21 16.54 5.43 40.67
CA SER A 21 16.50 5.29 40.68
C SER A 21 17.34 6.72 40.52
C SER A 21 17.54 6.24 41.27
N CYS A 30 22.33 8.28 21.03
CA CYS A 30 22.23 9.69 20.69
C CYS A 30 23.11 10.55 21.61
N PRO A 31 24.19 11.13 21.07
CA PRO A 31 25.06 11.95 21.92
C PRO A 31 24.44 13.31 22.24
N GLY A 32 23.59 13.80 21.35
CA GLY A 32 22.95 15.08 21.52
C GLY A 32 21.61 14.98 22.25
N ALA A 33 21.45 13.89 23.00
CA ALA A 33 20.19 13.65 23.70
C ALA A 33 20.00 14.69 24.79
N GLN A 34 18.75 15.10 24.95
CA GLN A 34 18.32 16.10 25.91
C GLN A 34 17.58 15.47 27.07
N LEU A 35 17.92 15.93 28.27
CA LEU A 35 17.25 15.52 29.49
C LEU A 35 16.11 16.46 29.77
N CYS A 36 14.89 15.91 29.90
CA CYS A 36 13.72 16.71 30.18
C CYS A 36 13.06 16.27 31.48
N THR A 37 12.53 17.24 32.22
CA THR A 37 11.71 16.96 33.39
C THR A 37 10.30 16.71 32.93
N VAL A 38 9.75 15.57 33.32
CA VAL A 38 8.38 15.23 32.95
C VAL A 38 7.39 15.85 33.94
N TYR A 39 6.45 16.63 33.42
CA TYR A 39 5.35 17.11 34.24
C TYR A 39 4.11 16.24 34.04
N TYR A 40 3.82 15.87 32.79
CA TYR A 40 2.69 15.00 32.50
C TYR A 40 3.10 13.85 31.57
N ALA A 41 2.64 12.66 31.90
CA ALA A 41 2.88 11.47 31.10
C ALA A 41 1.53 10.86 30.76
N SER A 42 1.26 10.68 29.47
N SER A 42 1.26 10.67 29.46
CA SER A 42 -0.01 10.09 29.05
CA SER A 42 0.02 10.08 29.02
C SER A 42 0.09 8.57 29.02
C SER A 42 0.09 8.57 28.95
N LEU A 43 -1.08 7.95 29.04
CA LEU A 43 -1.21 6.53 28.87
C LEU A 43 -1.71 6.25 27.46
N ASN A 44 -1.12 5.24 26.83
CA ASN A 44 -1.54 4.80 25.50
C ASN A 44 -1.86 3.31 25.50
N PHE A 45 -2.54 2.87 24.43
CA PHE A 45 -3.00 1.50 24.33
C PHE A 45 -1.92 0.46 24.63
N ARG A 46 -0.73 0.68 24.08
CA ARG A 46 0.40 -0.23 24.30
C ARG A 46 0.72 -0.39 25.79
N ASP A 47 0.62 0.70 26.55
CA ASP A 47 0.91 0.65 28.00
C ASP A 47 -0.04 -0.29 28.71
N ILE A 48 -1.32 -0.21 28.34
CA ILE A 48 -2.33 -1.08 28.95
C ILE A 48 -2.13 -2.53 28.56
N MET A 49 -1.76 -2.77 27.30
CA MET A 49 -1.52 -4.13 26.87
C MET A 49 -0.29 -4.70 27.59
N LEU A 50 0.76 -3.90 27.75
CA LEU A 50 1.93 -4.36 28.49
C LEU A 50 1.60 -4.64 29.95
N ALA A 51 0.94 -3.69 30.61
CA ALA A 51 0.69 -3.79 32.05
C ALA A 51 -0.23 -4.96 32.40
N THR A 52 -1.15 -5.29 31.49
CA THR A 52 -2.09 -6.39 31.72
C THR A 52 -1.53 -7.72 31.23
N GLY A 53 -0.35 -7.69 30.62
CA GLY A 53 0.31 -8.90 30.18
C GLY A 53 -0.15 -9.45 28.84
N LYS A 54 -0.96 -8.68 28.12
CA LYS A 54 -1.45 -9.10 26.79
C LYS A 54 -0.41 -8.91 25.68
N LEU A 55 0.57 -8.05 25.95
CA LEU A 55 1.68 -7.80 25.03
C LEU A 55 3.01 -8.15 25.68
N SER A 56 3.87 -8.86 24.95
CA SER A 56 5.19 -9.19 25.50
C SER A 56 6.17 -8.04 25.28
N PRO A 57 7.02 -7.75 26.27
CA PRO A 57 8.04 -6.72 26.10
C PRO A 57 8.91 -6.95 24.86
N ASP A 58 9.08 -8.22 24.47
CA ASP A 58 9.93 -8.57 23.33
C ASP A 58 9.39 -8.07 22.00
N ALA A 59 8.08 -7.79 21.95
CA ALA A 59 7.47 -7.26 20.74
C ALA A 59 7.74 -5.78 20.57
N ILE A 60 8.19 -5.15 21.64
CA ILE A 60 8.41 -3.70 21.67
C ILE A 60 9.82 -3.38 21.18
N PRO A 61 9.96 -2.49 20.17
CA PRO A 61 11.31 -2.15 19.71
C PRO A 61 12.13 -1.34 20.72
N GLY A 62 11.46 -0.56 21.57
CA GLY A 62 12.14 0.20 22.61
C GLY A 62 12.71 -0.67 23.72
N LYS A 63 12.50 -1.98 23.62
CA LYS A 63 13.06 -2.94 24.56
C LYS A 63 14.58 -2.82 24.61
N TRP A 64 15.17 -2.32 23.53
CA TRP A 64 16.61 -2.08 23.48
C TRP A 64 16.96 -0.70 24.01
N THR A 65 15.94 0.13 24.23
CA THR A 65 16.11 1.51 24.65
C THR A 65 16.08 1.66 26.17
N SER A 66 15.36 0.77 26.83
CA SER A 66 15.21 0.81 28.28
C SER A 66 15.66 -0.51 28.89
N GLN A 67 16.16 -0.46 30.12
CA GLN A 67 16.69 -1.64 30.79
C GLN A 67 15.74 -2.15 31.88
N ASP A 68 14.57 -1.51 32.01
CA ASP A 68 13.60 -1.93 33.02
C ASP A 68 12.16 -1.82 32.53
N SER A 69 11.58 -0.62 32.64
CA SER A 69 10.18 -0.41 32.28
C SER A 69 10.00 0.15 30.87
N LEU A 70 9.03 -0.41 30.16
CA LEU A 70 8.69 0.05 28.82
C LEU A 70 7.40 0.88 28.84
N LEU A 71 6.94 1.24 30.02
CA LEU A 71 5.70 2.01 30.16
C LEU A 71 5.92 3.50 29.87
N GLY A 72 5.08 4.03 29.00
CA GLY A 72 5.07 5.45 28.72
C GLY A 72 5.83 5.77 27.45
N MET A 73 5.14 6.36 26.48
CA MET A 73 5.78 6.78 25.25
CA MET A 73 5.72 6.77 25.21
C MET A 73 5.54 8.26 24.93
N GLU A 74 4.97 8.99 25.88
CA GLU A 74 4.49 10.31 25.58
C GLU A 74 4.47 11.23 26.81
N PHE A 75 4.96 12.44 26.66
CA PHE A 75 5.04 13.33 27.81
C PHE A 75 5.04 14.81 27.43
N SER A 76 4.77 15.66 28.42
CA SER A 76 5.04 17.08 28.32
C SER A 76 5.78 17.49 29.58
N GLY A 77 6.57 18.55 29.47
CA GLY A 77 7.39 19.00 30.58
C GLY A 77 8.30 20.13 30.15
N ARG A 78 9.51 20.16 30.71
CA ARG A 78 10.45 21.21 30.41
C ARG A 78 11.81 20.62 30.01
N ASP A 79 12.48 21.24 29.06
CA ASP A 79 13.86 20.86 28.74
C ASP A 79 14.78 21.54 29.73
N ALA A 80 16.10 21.37 29.55
CA ALA A 80 17.06 21.84 30.56
C ALA A 80 17.13 23.36 30.68
N SER A 81 16.69 24.07 29.65
CA SER A 81 16.66 25.54 29.63
C SER A 81 15.40 26.09 30.31
N GLY A 82 14.45 25.20 30.58
CA GLY A 82 13.23 25.54 31.26
C GLY A 82 12.06 25.72 30.31
N LYS A 83 12.31 25.54 29.01
CA LYS A 83 11.29 25.67 27.98
C LYS A 83 10.29 24.52 28.00
N ARG A 84 9.02 24.85 27.79
CA ARG A 84 7.96 23.86 27.79
C ARG A 84 8.00 23.07 26.49
N VAL A 85 8.05 21.75 26.62
CA VAL A 85 8.19 20.83 25.48
C VAL A 85 7.21 19.67 25.60
N MET A 86 6.94 19.01 24.48
CA MET A 86 6.20 17.77 24.51
C MET A 86 6.90 16.80 23.58
N GLY A 87 6.73 15.51 23.82
CA GLY A 87 7.44 14.57 22.97
C GLY A 87 7.06 13.12 23.07
N LEU A 88 7.74 12.35 22.21
CA LEU A 88 7.61 10.89 22.09
C LEU A 88 8.88 10.18 22.58
N VAL A 89 8.71 9.08 23.31
CA VAL A 89 9.85 8.22 23.69
C VAL A 89 9.53 6.74 23.44
N PRO A 90 10.57 5.94 23.14
CA PRO A 90 10.31 4.53 22.83
C PRO A 90 9.86 3.74 24.04
N ALA A 91 10.23 4.22 25.22
CA ALA A 91 9.90 3.53 26.45
C ALA A 91 10.20 4.45 27.62
N LYS A 92 9.67 4.12 28.79
CA LYS A 92 10.01 4.83 30.04
C LYS A 92 9.56 6.31 30.07
N GLY A 93 8.46 6.62 29.41
CA GLY A 93 7.91 7.96 29.47
C GLY A 93 7.19 8.26 30.79
N LEU A 94 6.70 7.21 31.45
CA LEU A 94 6.04 7.34 32.74
C LEU A 94 7.12 7.39 33.80
N ALA A 95 7.71 8.56 33.92
CA ALA A 95 8.90 8.77 34.72
C ALA A 95 9.00 10.24 35.07
N THR A 96 9.90 10.57 35.99
CA THR A 96 10.07 11.94 36.42
C THR A 96 11.00 12.71 35.47
N SER A 97 11.77 11.97 34.68
CA SER A 97 12.58 12.58 33.66
C SER A 97 12.80 11.62 32.52
N VAL A 98 13.11 12.18 31.35
CA VAL A 98 13.37 11.40 30.15
C VAL A 98 14.61 11.93 29.47
N LEU A 99 15.32 11.02 28.82
CA LEU A 99 16.49 11.34 28.00
C LEU A 99 16.15 10.93 26.58
N LEU A 100 16.15 11.88 25.66
CA LEU A 100 15.70 11.56 24.31
C LEU A 100 16.33 12.47 23.29
N SER A 101 16.29 12.02 22.03
CA SER A 101 16.73 12.83 20.92
C SER A 101 15.83 14.06 20.74
N PRO A 102 16.43 15.22 20.43
CA PRO A 102 15.62 16.43 20.20
C PRO A 102 14.73 16.32 18.96
N ASP A 103 15.00 15.34 18.10
CA ASP A 103 14.15 15.13 16.94
C ASP A 103 12.75 14.67 17.32
N PHE A 104 12.55 14.32 18.59
CA PHE A 104 11.27 13.80 19.06
C PHE A 104 10.60 14.76 20.05
N LEU A 105 11.05 16.01 20.03
CA LEU A 105 10.48 17.05 20.85
C LEU A 105 9.85 18.14 19.99
N TRP A 106 8.73 18.68 20.47
CA TRP A 106 8.19 19.91 19.93
C TRP A 106 8.04 20.95 21.04
N ASP A 107 8.19 22.22 20.70
CA ASP A 107 7.81 23.30 21.61
C ASP A 107 6.29 23.29 21.87
N VAL A 108 5.91 23.54 23.12
CA VAL A 108 4.51 23.70 23.48
C VAL A 108 4.07 25.13 23.20
N PRO A 109 2.97 25.30 22.44
CA PRO A 109 2.49 26.66 22.19
C PRO A 109 2.08 27.42 23.45
N SER A 110 2.26 28.74 23.40
CA SER A 110 2.05 29.59 24.57
CA SER A 110 2.07 29.54 24.60
C SER A 110 0.62 29.51 25.09
N ASN A 111 -0.31 29.19 24.20
CA ASN A 111 -1.73 29.11 24.57
C ASN A 111 -2.19 27.73 25.08
N TRP A 112 -1.29 26.76 25.17
CA TRP A 112 -1.66 25.44 25.68
C TRP A 112 -1.15 25.27 27.10
N THR A 113 -1.89 24.53 27.91
CA THR A 113 -1.34 24.04 29.18
C THR A 113 -0.41 22.86 28.92
N LEU A 114 0.50 22.60 29.85
CA LEU A 114 1.29 21.37 29.75
C LEU A 114 0.44 20.14 29.84
N GLU A 115 -0.59 20.22 30.68
CA GLU A 115 -1.51 19.13 30.89
C GLU A 115 -2.05 18.60 29.56
N GLU A 116 -2.56 19.49 28.72
CA GLU A 116 -3.16 19.05 27.47
C GLU A 116 -2.09 18.79 26.38
N ALA A 117 -0.91 19.41 26.48
CA ALA A 117 0.16 19.17 25.51
C ALA A 117 0.56 17.68 25.49
N ALA A 118 0.42 17.01 26.61
CA ALA A 118 0.76 15.59 26.70
C ALA A 118 -0.18 14.70 25.92
N SER A 119 -1.28 15.26 25.41
CA SER A 119 -2.25 14.46 24.65
C SER A 119 -1.98 14.48 23.16
N VAL A 120 -0.96 15.21 22.71
CA VAL A 120 -0.83 15.52 21.29
C VAL A 120 0.15 14.66 20.49
N PRO A 121 1.38 14.45 20.99
CA PRO A 121 2.36 13.80 20.10
C PRO A 121 1.99 12.45 19.44
N VAL A 122 1.50 11.47 20.19
CA VAL A 122 1.18 10.16 19.59
C VAL A 122 0.03 10.25 18.56
N VAL A 123 -1.12 10.79 18.95
CA VAL A 123 -2.26 10.70 18.02
C VAL A 123 -2.02 11.53 16.76
N TYR A 124 -1.41 12.70 16.88
CA TYR A 124 -1.18 13.52 15.68
C TYR A 124 -0.03 13.00 14.84
N SER A 125 1.02 12.45 15.47
CA SER A 125 2.07 11.84 14.67
C SER A 125 1.52 10.66 13.89
N THR A 126 0.70 9.86 14.56
CA THR A 126 0.11 8.69 13.92
C THR A 126 -0.79 9.13 12.78
N ALA A 127 -1.66 10.11 13.01
CA ALA A 127 -2.63 10.47 11.98
C ALA A 127 -1.96 11.14 10.80
N TYR A 128 -0.98 12.00 11.02
CA TYR A 128 -0.27 12.61 9.90
C TYR A 128 0.52 11.56 9.12
N TYR A 129 1.19 10.66 9.81
CA TYR A 129 1.93 9.61 9.12
C TYR A 129 0.93 8.79 8.28
N ALA A 130 -0.17 8.38 8.88
CA ALA A 130 -1.13 7.51 8.18
C ALA A 130 -1.80 8.21 7.02
N LEU A 131 -2.35 9.41 7.23
CA LEU A 131 -3.14 10.06 6.18
C LEU A 131 -2.28 10.70 5.10
N VAL A 132 -1.21 11.40 5.52
CA VAL A 132 -0.43 12.18 4.56
C VAL A 132 0.75 11.39 4.03
N VAL A 133 1.65 10.92 4.89
CA VAL A 133 2.81 10.24 4.39
C VAL A 133 2.43 8.93 3.68
N ARG A 134 1.57 8.13 4.30
CA ARG A 134 1.22 6.83 3.74
C ARG A 134 0.04 6.89 2.77
N GLY A 135 -1.08 7.46 3.22
CA GLY A 135 -2.30 7.53 2.44
C GLY A 135 -2.24 8.56 1.32
N ARG A 136 -1.36 9.53 1.47
CA ARG A 136 -1.22 10.61 0.48
C ARG A 136 -2.57 11.25 0.20
N VAL A 137 -3.27 11.59 1.28
CA VAL A 137 -4.60 12.18 1.15
C VAL A 137 -4.53 13.48 0.35
N ARG A 138 -5.50 13.69 -0.53
CA ARG A 138 -5.53 14.90 -1.33
C ARG A 138 -6.76 15.74 -1.03
N PRO A 139 -6.63 17.06 -1.13
CA PRO A 139 -7.79 17.93 -0.87
C PRO A 139 -9.04 17.50 -1.63
N GLY A 140 -10.16 17.41 -0.90
CA GLY A 140 -11.42 17.05 -1.51
C GLY A 140 -11.73 15.56 -1.56
N GLU A 141 -10.77 14.71 -1.21
CA GLU A 141 -11.03 13.28 -1.21
C GLU A 141 -12.00 12.92 -0.08
N THR A 142 -12.55 11.72 -0.15
CA THR A 142 -13.54 11.25 0.82
C THR A 142 -12.95 10.17 1.72
N LEU A 143 -13.11 10.34 3.03
CA LEU A 143 -12.60 9.38 4.02
C LEU A 143 -13.68 8.77 4.88
N LEU A 144 -13.50 7.51 5.24
CA LEU A 144 -14.25 6.88 6.32
C LEU A 144 -13.29 6.64 7.50
N ILE A 145 -13.56 7.31 8.61
CA ILE A 145 -12.71 7.23 9.78
C ILE A 145 -13.45 6.48 10.88
N HIS A 146 -13.02 5.25 11.17
CA HIS A 146 -13.75 4.47 12.16
C HIS A 146 -13.41 4.96 13.56
N SER A 147 -14.40 4.91 14.44
CA SER A 147 -14.21 5.30 15.85
C SER A 147 -13.63 6.70 15.98
N GLY A 148 -14.36 7.66 15.43
CA GLY A 148 -13.92 9.03 15.32
C GLY A 148 -13.63 9.71 16.65
N SER A 149 -14.23 9.26 17.75
CA SER A 149 -13.95 9.90 19.04
C SER A 149 -12.69 9.34 19.70
N GLY A 150 -12.12 8.25 19.18
CA GLY A 150 -10.83 7.79 19.67
C GLY A 150 -9.74 8.80 19.36
N GLY A 151 -8.62 8.73 20.07
CA GLY A 151 -7.56 9.71 19.91
C GLY A 151 -7.06 9.89 18.48
N VAL A 152 -6.72 8.80 17.81
CA VAL A 152 -6.19 8.86 16.46
C VAL A 152 -7.33 9.26 15.50
N GLY A 153 -8.54 8.76 15.76
CA GLY A 153 -9.68 9.14 14.96
C GLY A 153 -9.93 10.64 14.97
N GLN A 154 -9.87 11.25 16.15
CA GLN A 154 -10.04 12.69 16.27
C GLN A 154 -9.00 13.48 15.50
N ALA A 155 -7.74 13.06 15.60
CA ALA A 155 -6.66 13.75 14.92
C ALA A 155 -6.81 13.63 13.42
N ALA A 156 -7.21 12.45 12.96
CA ALA A 156 -7.40 12.20 11.54
C ALA A 156 -8.57 13.06 11.01
N ILE A 157 -9.64 13.15 11.78
CA ILE A 157 -10.73 14.06 11.38
C ILE A 157 -10.25 15.51 11.25
N ALA A 158 -9.47 16.01 12.21
CA ALA A 158 -8.98 17.38 12.11
C ALA A 158 -8.15 17.59 10.84
N ILE A 159 -7.30 16.63 10.54
CA ILE A 159 -6.41 16.75 9.40
C ILE A 159 -7.23 16.72 8.12
N ALA A 160 -8.17 15.78 8.04
CA ALA A 160 -9.01 15.68 6.86
C ALA A 160 -9.82 16.95 6.61
N LEU A 161 -10.43 17.49 7.65
CA LEU A 161 -11.20 18.73 7.49
C LEU A 161 -10.29 19.89 7.08
N SER A 162 -9.07 19.94 7.59
CA SER A 162 -8.16 21.02 7.25
C SER A 162 -7.84 21.02 5.75
N LEU A 163 -7.97 19.85 5.12
CA LEU A 163 -7.69 19.71 3.70
C LEU A 163 -8.94 19.78 2.84
N GLY A 164 -10.06 20.12 3.45
CA GLY A 164 -11.30 20.22 2.70
C GLY A 164 -11.82 18.87 2.21
N CYS A 165 -11.49 17.82 2.96
CA CYS A 165 -11.98 16.49 2.64
C CYS A 165 -13.38 16.27 3.16
N ARG A 166 -14.11 15.36 2.52
N ARG A 166 -14.12 15.36 2.52
CA ARG A 166 -15.40 14.91 3.00
CA ARG A 166 -15.43 14.94 3.02
C ARG A 166 -15.21 13.77 3.98
C ARG A 166 -15.22 13.78 3.98
N VAL A 167 -15.75 13.92 5.20
CA VAL A 167 -15.55 12.95 6.26
C VAL A 167 -16.79 12.17 6.62
N PHE A 168 -16.67 10.84 6.60
CA PHE A 168 -17.65 9.99 7.26
C PHE A 168 -16.94 9.39 8.44
N THR A 169 -17.64 9.23 9.56
CA THR A 169 -17.02 8.60 10.72
C THR A 169 -18.04 7.75 11.46
N THR A 170 -17.56 6.68 12.08
CA THR A 170 -18.40 5.88 12.96
C THR A 170 -18.09 6.20 14.41
N VAL A 171 -19.12 6.12 15.25
CA VAL A 171 -18.98 6.40 16.68
C VAL A 171 -19.65 5.30 17.52
N GLY A 172 -19.19 5.17 18.76
CA GLY A 172 -19.69 4.10 19.60
C GLY A 172 -20.97 4.45 20.33
N SER A 173 -21.30 5.74 20.40
CA SER A 173 -22.53 6.18 21.07
C SER A 173 -22.99 7.56 20.62
N ALA A 174 -24.22 7.94 20.97
CA ALA A 174 -24.69 9.29 20.71
C ALA A 174 -23.88 10.36 21.45
N GLU A 175 -23.36 10.04 22.63
CA GLU A 175 -22.55 11.00 23.37
C GLU A 175 -21.28 11.30 22.58
N LYS A 176 -20.69 10.25 22.01
CA LYS A 176 -19.48 10.40 21.22
C LYS A 176 -19.75 11.19 19.92
N ARG A 177 -20.93 11.01 19.33
CA ARG A 177 -21.33 11.84 18.21
CA ARG A 177 -21.31 11.84 18.20
C ARG A 177 -21.36 13.31 18.63
N ALA A 178 -22.05 13.60 19.74
CA ALA A 178 -22.18 14.98 20.20
C ALA A 178 -20.82 15.60 20.50
N TYR A 179 -19.93 14.81 21.10
CA TYR A 179 -18.57 15.25 21.32
C TYR A 179 -17.91 15.70 20.01
N LEU A 180 -18.01 14.88 18.97
CA LEU A 180 -17.41 15.23 17.68
C LEU A 180 -18.07 16.46 17.08
N GLN A 181 -19.39 16.59 17.24
CA GLN A 181 -20.07 17.76 16.75
C GLN A 181 -19.57 19.03 17.42
N ALA A 182 -19.37 18.98 18.74
CA ALA A 182 -18.83 20.13 19.46
C ALA A 182 -17.42 20.46 19.04
N ARG A 183 -16.57 19.43 18.91
CA ARG A 183 -15.18 19.65 18.53
C ARG A 183 -15.03 20.10 17.09
N PHE A 184 -15.86 19.54 16.20
CA PHE A 184 -15.79 19.81 14.77
C PHE A 184 -17.12 20.35 14.19
N PRO A 185 -17.32 21.67 14.27
CA PRO A 185 -18.56 22.28 13.76
C PRO A 185 -18.82 21.98 12.29
N GLN A 186 -17.77 21.67 11.54
CA GLN A 186 -17.90 21.39 10.11
C GLN A 186 -18.63 20.08 9.83
N LEU A 187 -18.67 19.16 10.79
CA LEU A 187 -19.36 17.89 10.58
C LEU A 187 -20.88 18.07 10.59
N ASP A 188 -21.56 17.55 9.57
CA ASP A 188 -23.02 17.64 9.55
C ASP A 188 -23.59 16.27 9.85
N SER A 189 -24.91 16.18 9.85
CA SER A 189 -25.58 14.97 10.30
C SER A 189 -25.21 13.76 9.44
N THR A 190 -24.91 13.98 8.16
CA THR A 190 -24.62 12.86 7.26
C THR A 190 -23.20 12.33 7.46
N SER A 191 -22.41 13.00 8.29
CA SER A 191 -21.05 12.50 8.58
C SER A 191 -21.03 11.25 9.45
N PHE A 192 -22.07 11.06 10.25
CA PHE A 192 -22.07 10.02 11.28
C PHE A 192 -22.79 8.71 10.93
N ALA A 193 -22.16 7.58 11.29
CA ALA A 193 -22.83 6.26 11.28
C ALA A 193 -22.33 5.37 12.46
N ASN A 194 -22.81 4.13 12.52
CA ASN A 194 -22.55 3.29 13.69
C ASN A 194 -21.29 2.43 13.61
N SER A 195 -20.48 2.46 14.66
CA SER A 195 -19.30 1.59 14.77
C SER A 195 -19.63 0.26 15.44
N ARG A 196 -20.83 0.14 15.99
CA ARG A 196 -21.20 -1.02 16.80
C ARG A 196 -21.89 -2.08 15.95
N SER A 199 -23.99 -1.13 9.67
CA SER A 199 -24.92 -0.20 9.01
C SER A 199 -24.16 0.95 8.34
N PHE A 200 -22.89 1.12 8.66
CA PHE A 200 -22.13 2.24 8.08
C PHE A 200 -21.90 2.03 6.57
N GLU A 201 -21.88 0.78 6.14
CA GLU A 201 -21.70 0.47 4.72
C GLU A 201 -22.84 1.06 3.88
N GLN A 202 -24.08 0.81 4.31
CA GLN A 202 -25.23 1.31 3.58
C GLN A 202 -25.24 2.84 3.61
N HIS A 203 -24.86 3.41 4.73
CA HIS A 203 -24.85 4.85 4.89
C HIS A 203 -23.87 5.49 3.90
N VAL A 204 -22.68 4.93 3.84
CA VAL A 204 -21.61 5.49 3.01
C VAL A 204 -21.91 5.32 1.53
N LEU A 205 -22.44 4.17 1.17
CA LEU A 205 -22.84 3.93 -0.22
C LEU A 205 -23.96 4.88 -0.66
N TRP A 206 -24.97 5.09 0.19
CA TRP A 206 -26.06 5.98 -0.18
C TRP A 206 -25.59 7.42 -0.37
N HIS A 207 -24.72 7.88 0.53
CA HIS A 207 -24.27 9.26 0.51
C HIS A 207 -23.12 9.53 -0.46
N THR A 208 -22.56 8.47 -1.06
CA THR A 208 -21.53 8.64 -2.10
C THR A 208 -22.06 8.22 -3.48
N GLY A 209 -23.36 8.01 -3.57
CA GLY A 209 -23.97 7.60 -4.84
C GLY A 209 -23.47 6.26 -5.31
N GLY A 210 -23.09 5.40 -4.37
CA GLY A 210 -22.58 4.07 -4.69
C GLY A 210 -21.10 4.05 -5.05
N LYS A 211 -20.44 5.20 -4.97
CA LYS A 211 -19.03 5.33 -5.38
C LYS A 211 -18.03 4.85 -4.30
N GLY A 212 -18.40 5.01 -3.04
CA GLY A 212 -17.50 4.61 -1.95
C GLY A 212 -16.57 5.73 -1.57
N VAL A 213 -15.65 5.44 -0.64
CA VAL A 213 -14.70 6.43 -0.13
C VAL A 213 -13.28 6.14 -0.62
N ASP A 214 -12.46 7.18 -0.67
CA ASP A 214 -11.09 7.07 -1.14
C ASP A 214 -10.14 6.44 -0.12
N LEU A 215 -10.42 6.69 1.15
CA LEU A 215 -9.56 6.19 2.23
C LEU A 215 -10.40 5.71 3.40
N VAL A 216 -10.01 4.57 3.97
CA VAL A 216 -10.59 4.10 5.22
C VAL A 216 -9.47 4.05 6.25
N LEU A 217 -9.71 4.66 7.41
CA LEU A 217 -8.80 4.54 8.57
C LEU A 217 -9.42 3.62 9.60
N ASN A 218 -8.76 2.50 9.84
CA ASN A 218 -9.38 1.41 10.59
C ASN A 218 -8.58 1.04 11.84
N GLU A 223 -12.94 -4.43 13.79
CA GLU A 223 -13.02 -5.65 12.98
C GLU A 223 -14.29 -5.74 12.15
N LYS A 224 -14.51 -4.79 11.28
CA LYS A 224 -15.62 -4.85 10.35
C LYS A 224 -15.00 -4.64 9.00
N LEU A 225 -13.95 -5.39 8.72
CA LEU A 225 -13.10 -5.05 7.59
C LEU A 225 -13.81 -5.32 6.27
N GLN A 226 -14.48 -6.48 6.18
CA GLN A 226 -15.14 -6.86 4.95
C GLN A 226 -16.12 -5.76 4.53
N ALA A 227 -16.86 -5.23 5.50
CA ALA A 227 -17.80 -4.15 5.21
C ALA A 227 -17.07 -2.86 4.82
N SER A 228 -15.95 -2.60 5.48
CA SER A 228 -15.13 -1.42 5.19
C SER A 228 -14.40 -1.50 3.85
N VAL A 229 -13.93 -2.69 3.50
CA VAL A 229 -13.25 -2.87 2.23
C VAL A 229 -14.26 -2.60 1.12
N ARG A 230 -15.49 -3.10 1.29
CA ARG A 230 -16.55 -2.84 0.33
C ARG A 230 -16.92 -1.34 0.25
N CYS A 231 -16.50 -0.56 1.26
CA CYS A 231 -16.76 0.88 1.27
C CYS A 231 -15.80 1.64 0.39
N LEU A 232 -14.72 0.99 0.01
CA LEU A 232 -13.68 1.64 -0.75
C LEU A 232 -14.17 1.91 -2.16
N ALA A 233 -13.87 3.11 -2.64
CA ALA A 233 -14.01 3.40 -4.05
C ALA A 233 -12.95 2.57 -4.75
N THR A 234 -13.13 2.36 -6.04
CA THR A 234 -12.06 1.76 -6.80
C THR A 234 -10.85 2.63 -6.59
N HIS A 235 -9.69 1.97 -6.49
CA HIS A 235 -8.39 2.59 -6.17
C HIS A 235 -8.26 3.15 -4.73
N GLY A 236 -9.20 2.78 -3.85
CA GLY A 236 -9.16 3.22 -2.48
C GLY A 236 -7.99 2.73 -1.65
N ARG A 237 -7.67 3.46 -0.58
CA ARG A 237 -6.58 3.11 0.35
C ARG A 237 -7.16 2.74 1.70
N PHE A 238 -6.69 1.63 2.25
CA PHE A 238 -7.09 1.16 3.57
C PHE A 238 -5.91 1.33 4.53
N LEU A 239 -6.08 2.19 5.54
CA LEU A 239 -5.05 2.50 6.52
C LEU A 239 -5.32 1.78 7.84
N GLU A 240 -4.48 0.81 8.18
CA GLU A 240 -4.68 -0.02 9.36
C GLU A 240 -3.65 0.31 10.43
N ILE A 241 -4.08 0.82 11.58
CA ILE A 241 -3.14 1.07 12.68
C ILE A 241 -2.88 -0.23 13.47
N GLY A 242 -1.61 -0.64 13.54
CA GLY A 242 -1.26 -1.89 14.18
C GLY A 242 -1.51 -1.94 15.67
N ALA A 255 -12.15 -8.79 -4.89
CA ALA A 255 -12.54 -7.39 -4.77
C ALA A 255 -11.33 -6.48 -4.56
N ILE A 256 -10.35 -6.99 -3.81
CA ILE A 256 -9.11 -6.26 -3.55
C ILE A 256 -8.42 -5.92 -4.86
N PHE A 257 -8.56 -6.81 -5.84
CA PHE A 257 -7.93 -6.64 -7.14
C PHE A 257 -8.85 -5.88 -8.08
N LEU A 258 -10.13 -6.23 -8.06
CA LEU A 258 -11.14 -5.59 -8.90
C LEU A 258 -11.12 -4.10 -8.64
N LYS A 259 -10.94 -3.73 -7.37
CA LYS A 259 -10.93 -2.35 -6.96
C LYS A 259 -9.52 -1.77 -6.87
N ASN A 260 -8.49 -2.57 -7.16
CA ASN A 260 -7.12 -2.03 -7.17
C ASN A 260 -6.85 -1.29 -5.87
N VAL A 261 -7.03 -2.01 -4.79
CA VAL A 261 -6.94 -1.44 -3.45
C VAL A 261 -5.50 -1.44 -2.94
N THR A 262 -5.23 -0.48 -2.07
CA THR A 262 -3.95 -0.45 -1.38
C THR A 262 -4.20 -0.60 0.10
N PHE A 263 -3.44 -1.48 0.76
CA PHE A 263 -3.53 -1.69 2.19
C PHE A 263 -2.24 -1.24 2.85
N HIS A 264 -2.35 -0.33 3.80
CA HIS A 264 -1.19 0.17 4.53
C HIS A 264 -1.21 -0.30 5.96
N GLY A 265 -0.18 -1.04 6.37
CA GLY A 265 0.05 -1.35 7.77
C GLY A 265 0.81 -0.20 8.39
N VAL A 266 0.27 0.35 9.47
CA VAL A 266 0.82 1.54 10.09
C VAL A 266 1.16 1.28 11.55
N LEU A 267 2.42 1.43 11.88
CA LEU A 267 2.87 1.36 13.26
C LEU A 267 3.90 2.45 13.53
N LEU A 268 3.49 3.45 14.30
CA LEU A 268 4.31 4.62 14.58
C LEU A 268 5.55 4.17 15.35
N ASP A 269 5.36 3.19 16.23
CA ASP A 269 6.37 2.83 17.22
C ASP A 269 7.69 2.42 16.56
N ALA A 270 7.62 1.98 15.32
CA ALA A 270 8.81 1.62 14.56
C ALA A 270 9.84 2.76 14.48
N PHE A 271 9.35 4.00 14.52
CA PHE A 271 10.22 5.17 14.37
C PHE A 271 10.99 5.57 15.62
N PHE A 272 10.49 5.18 16.80
CA PHE A 272 10.91 5.83 18.05
C PHE A 272 12.32 5.54 18.52
N ASN A 273 12.93 4.46 18.02
CA ASN A 273 14.21 4.01 18.54
C ASN A 273 15.36 4.96 18.18
N GLU A 274 15.18 5.71 17.10
CA GLU A 274 16.21 6.63 16.63
C GLU A 274 15.67 7.46 15.48
N SER A 275 16.15 8.69 15.36
CA SER A 275 15.66 9.57 14.31
C SER A 275 16.04 9.08 12.93
N SER A 276 15.31 9.56 11.93
CA SER A 276 15.58 9.25 10.55
C SER A 276 14.99 10.36 9.71
N ALA A 277 15.27 10.34 8.41
CA ALA A 277 14.67 11.32 7.50
C ALA A 277 13.18 11.03 7.35
N ASP A 278 12.83 9.75 7.45
CA ASP A 278 11.43 9.35 7.45
C ASP A 278 10.71 9.93 8.67
N TRP A 279 11.30 9.82 9.85
CA TRP A 279 10.65 10.39 11.03
C TRP A 279 10.52 11.93 10.97
N ARG A 280 11.57 12.61 10.54
N ARG A 280 11.57 12.59 10.52
CA ARG A 280 11.53 14.07 10.52
CA ARG A 280 11.60 14.05 10.45
C ARG A 280 10.45 14.61 9.58
C ARG A 280 10.48 14.60 9.58
N GLU A 281 10.03 13.84 8.58
CA GLU A 281 8.91 14.26 7.73
C GLU A 281 7.62 14.36 8.55
N VAL A 282 7.39 13.38 9.40
CA VAL A 282 6.22 13.35 10.25
C VAL A 282 6.32 14.48 11.26
N TRP A 283 7.51 14.62 11.86
CA TRP A 283 7.75 15.69 12.82
C TRP A 283 7.36 17.06 12.25
N ALA A 284 7.71 17.28 10.99
CA ALA A 284 7.46 18.54 10.31
C ALA A 284 5.97 18.76 10.05
N LEU A 285 5.25 17.68 9.74
CA LEU A 285 3.81 17.76 9.54
C LEU A 285 3.10 18.16 10.82
N VAL A 286 3.48 17.51 11.92
CA VAL A 286 2.92 17.86 13.23
C VAL A 286 3.26 19.33 13.54
N GLN A 287 4.52 19.72 13.39
CA GLN A 287 4.93 21.10 13.68
C GLN A 287 4.12 22.12 12.86
N ALA A 288 3.98 21.88 11.56
CA ALA A 288 3.21 22.79 10.73
C ALA A 288 1.75 22.81 11.17
N GLY A 289 1.25 21.64 11.55
CA GLY A 289 -0.14 21.50 11.96
C GLY A 289 -0.44 22.24 13.24
N ILE A 290 0.55 22.24 14.13
CA ILE A 290 0.46 23.04 15.35
C ILE A 290 0.43 24.52 14.99
N ARG A 291 1.38 24.95 14.16
CA ARG A 291 1.47 26.35 13.75
C ARG A 291 0.22 26.83 13.00
N ASP A 292 -0.44 25.93 12.27
CA ASP A 292 -1.56 26.33 11.41
C ASP A 292 -2.93 26.19 12.09
N GLY A 293 -2.94 25.76 13.34
CA GLY A 293 -4.16 25.64 14.12
C GLY A 293 -4.93 24.36 13.90
N VAL A 294 -4.38 23.46 13.09
CA VAL A 294 -4.98 22.15 12.84
C VAL A 294 -4.84 21.20 14.01
N VAL A 295 -3.66 21.19 14.63
CA VAL A 295 -3.38 20.33 15.76
C VAL A 295 -3.92 21.00 17.02
N ARG A 296 -4.91 20.35 17.62
CA ARG A 296 -5.57 20.85 18.82
C ARG A 296 -5.46 19.80 19.91
N PRO A 297 -5.18 20.23 21.14
CA PRO A 297 -5.08 19.23 22.19
C PRO A 297 -6.38 18.45 22.38
N LEU A 298 -6.27 17.20 22.82
CA LEU A 298 -7.45 16.46 23.21
C LEU A 298 -7.97 16.89 24.58
N LYS A 299 -9.18 16.45 24.91
CA LYS A 299 -9.73 16.58 26.24
C LYS A 299 -9.05 15.57 27.15
N CYS A 300 -8.64 15.97 28.35
CA CYS A 300 -7.87 15.08 29.22
C CYS A 300 -8.60 14.71 30.51
N THR A 301 -8.30 13.50 30.95
CA THR A 301 -8.70 12.98 32.25
C THR A 301 -7.43 12.80 33.02
N VAL A 302 -7.29 13.56 34.10
CA VAL A 302 -6.02 13.66 34.80
C VAL A 302 -6.02 12.92 36.12
N PHE A 303 -4.96 12.14 36.33
CA PHE A 303 -4.75 11.40 37.56
C PHE A 303 -3.45 11.89 38.14
N HIS A 304 -3.43 12.15 39.45
CA HIS A 304 -2.18 12.46 40.12
C HIS A 304 -1.24 11.26 40.14
N GLY A 305 0.05 11.53 40.23
CA GLY A 305 1.05 10.47 40.17
C GLY A 305 0.79 9.35 41.15
N ALA A 306 0.33 9.70 42.35
CA ALA A 306 0.13 8.69 43.39
C ALA A 306 -1.00 7.75 43.04
N GLN A 307 -1.81 8.13 42.04
CA GLN A 307 -2.95 7.33 41.63
C GLN A 307 -2.72 6.69 40.26
N VAL A 308 -1.47 6.40 39.94
CA VAL A 308 -1.16 5.83 38.62
C VAL A 308 -1.86 4.50 38.38
N GLU A 309 -2.04 3.69 39.44
CA GLU A 309 -2.77 2.44 39.28
C GLU A 309 -4.21 2.70 38.85
N ASP A 310 -4.87 3.66 39.49
CA ASP A 310 -6.24 4.01 39.10
C ASP A 310 -6.27 4.43 37.63
N ALA A 311 -5.25 5.17 37.20
CA ALA A 311 -5.18 5.63 35.83
C ALA A 311 -5.16 4.46 34.87
N PHE A 312 -4.34 3.44 35.16
CA PHE A 312 -4.28 2.26 34.32
C PHE A 312 -5.62 1.52 34.33
N ARG A 313 -6.19 1.33 35.51
CA ARG A 313 -7.47 0.63 35.62
C ARG A 313 -8.58 1.33 34.84
N TYR A 314 -8.60 2.66 34.98
CA TYR A 314 -9.54 3.51 34.27
C TYR A 314 -9.40 3.36 32.78
N MET A 315 -8.16 3.54 32.31
CA MET A 315 -7.78 3.41 30.92
C MET A 315 -8.30 2.07 30.38
N ALA A 316 -8.00 1.01 31.12
CA ALA A 316 -8.36 -0.35 30.73
C ALA A 316 -9.86 -0.56 30.56
N GLN A 317 -10.68 0.19 31.29
CA GLN A 317 -12.14 0.13 31.09
C GLN A 317 -12.58 0.88 29.84
N GLY A 318 -11.84 1.92 29.45
CA GLY A 318 -12.10 2.62 28.21
C GLY A 318 -13.43 3.35 28.12
N LYS A 319 -13.88 3.93 29.22
CA LYS A 319 -15.18 4.60 29.28
C LYS A 319 -15.06 6.10 28.98
N HIS A 320 -13.84 6.53 28.72
CA HIS A 320 -13.55 7.94 28.42
C HIS A 320 -13.46 8.26 26.93
N ILE A 321 -13.49 9.55 26.65
CA ILE A 321 -13.12 10.15 25.36
C ILE A 321 -11.85 10.94 25.64
N GLY A 322 -10.89 10.93 24.73
CA GLY A 322 -9.73 11.78 24.89
C GLY A 322 -8.59 11.04 25.52
N LYS A 323 -7.87 11.73 26.42
CA LYS A 323 -6.60 11.23 26.89
C LYS A 323 -6.57 11.03 28.40
N VAL A 324 -5.98 9.93 28.83
CA VAL A 324 -5.72 9.67 30.24
C VAL A 324 -4.30 10.11 30.49
N VAL A 325 -4.13 11.02 31.45
CA VAL A 325 -2.84 11.68 31.66
C VAL A 325 -2.51 11.62 33.14
N VAL A 326 -1.26 11.29 33.42
CA VAL A 326 -0.75 11.22 34.78
C VAL A 326 0.02 12.49 35.05
N GLN A 327 -0.40 13.22 36.09
CA GLN A 327 0.30 14.41 36.54
C GLN A 327 1.47 14.00 37.44
N VAL A 328 2.66 14.03 36.86
CA VAL A 328 3.88 13.70 37.61
C VAL A 328 4.27 14.92 38.44
N LEU A 329 4.06 16.09 37.85
CA LEU A 329 4.39 17.35 38.48
C LEU A 329 3.45 18.43 37.96
N ALA A 330 2.84 19.20 38.86
CA ALA A 330 1.93 20.25 38.43
C ALA A 330 2.68 21.39 37.76
N GLU A 331 2.13 21.84 36.64
CA GLU A 331 2.66 23.01 35.99
C GLU A 331 2.52 24.19 36.92
N GLU A 332 3.53 25.04 36.90
CA GLU A 332 3.61 26.18 37.79
C GLU A 332 2.46 27.14 37.50
N PRO A 333 1.91 27.77 38.56
CA PRO A 333 0.85 28.76 38.36
C PRO A 333 1.39 30.07 37.78
N HIS B 2 -15.82 -10.88 -41.24
CA HIS B 2 -15.49 -10.83 -39.82
C HIS B 2 -15.67 -12.20 -39.16
N ALA B 3 -14.69 -12.59 -38.35
CA ALA B 3 -14.80 -13.82 -37.57
C ALA B 3 -14.19 -13.57 -36.20
N PHE B 4 -14.58 -14.39 -35.22
CA PHE B 4 -14.02 -14.32 -33.87
C PHE B 4 -13.82 -15.73 -33.36
N VAL B 5 -12.97 -15.85 -32.34
CA VAL B 5 -12.67 -17.12 -31.74
C VAL B 5 -13.63 -17.38 -30.58
N SER B 6 -14.13 -18.61 -30.55
CA SER B 6 -15.10 -19.02 -29.56
C SER B 6 -14.85 -20.42 -29.04
N THR B 7 -15.13 -20.63 -27.76
CA THR B 7 -15.19 -21.98 -27.21
CA THR B 7 -15.18 -21.96 -27.19
C THR B 7 -16.58 -22.52 -27.48
N LEU B 8 -16.69 -23.46 -28.40
CA LEU B 8 -18.00 -23.96 -28.81
C LEU B 8 -18.64 -24.82 -27.73
N THR B 9 -17.81 -25.46 -26.92
CA THR B 9 -18.24 -26.29 -25.80
C THR B 9 -17.71 -25.69 -24.52
N ARG B 10 -18.62 -25.29 -23.63
CA ARG B 10 -18.23 -24.68 -22.37
C ARG B 10 -17.11 -25.45 -21.68
N GLY B 11 -16.00 -24.77 -21.41
CA GLY B 11 -14.97 -25.34 -20.55
C GLY B 11 -13.97 -26.26 -21.23
N ASP B 12 -14.15 -26.46 -22.53
CA ASP B 12 -13.33 -27.42 -23.28
C ASP B 12 -12.42 -26.73 -24.30
N LEU B 13 -11.12 -26.67 -23.99
CA LEU B 13 -10.15 -26.01 -24.85
C LEU B 13 -10.08 -26.63 -26.24
N SER B 14 -10.47 -27.90 -26.35
CA SER B 14 -10.40 -28.58 -27.63
C SER B 14 -11.47 -28.08 -28.60
N SER B 15 -12.50 -27.41 -28.07
CA SER B 15 -13.62 -26.88 -28.87
C SER B 15 -13.41 -25.45 -29.37
N ILE B 16 -12.22 -24.91 -29.16
CA ILE B 16 -11.90 -23.56 -29.60
C ILE B 16 -11.87 -23.49 -31.14
N ARG B 17 -12.71 -22.61 -31.70
CA ARG B 17 -12.86 -22.47 -33.15
C ARG B 17 -13.17 -21.04 -33.57
N TRP B 18 -12.87 -20.72 -34.83
CA TRP B 18 -13.35 -19.51 -35.47
C TRP B 18 -14.84 -19.60 -35.84
N VAL B 19 -15.52 -18.47 -35.66
CA VAL B 19 -16.94 -18.29 -36.01
C VAL B 19 -17.13 -17.01 -36.81
N CYS B 20 -17.67 -17.12 -38.03
N CYS B 20 -17.65 -17.11 -38.03
CA CYS B 20 -17.97 -15.95 -38.82
CA CYS B 20 -17.92 -15.92 -38.83
C CYS B 20 -19.21 -15.26 -38.27
C CYS B 20 -19.22 -15.27 -38.37
N SER B 21 -19.24 -13.94 -38.32
CA SER B 21 -20.42 -13.19 -37.90
C SER B 21 -20.44 -11.80 -38.53
N GLY B 32 -14.58 8.80 -31.19
CA GLY B 32 -13.30 8.72 -31.86
C GLY B 32 -12.80 7.29 -31.99
N ALA B 33 -13.71 6.33 -31.95
CA ALA B 33 -13.34 4.92 -31.98
C ALA B 33 -12.65 4.55 -33.30
N GLN B 34 -11.62 3.72 -33.20
CA GLN B 34 -10.80 3.33 -34.34
C GLN B 34 -11.09 1.89 -34.75
N LEU B 35 -11.32 1.67 -36.04
CA LEU B 35 -11.51 0.34 -36.60
C LEU B 35 -10.19 -0.19 -37.11
N CYS B 36 -9.78 -1.34 -36.59
CA CYS B 36 -8.51 -1.95 -36.92
C CYS B 36 -8.66 -3.37 -37.44
N THR B 37 -7.84 -3.71 -38.43
CA THR B 37 -7.73 -5.07 -38.90
C THR B 37 -6.67 -5.76 -38.05
N VAL B 38 -7.04 -6.89 -37.46
CA VAL B 38 -6.13 -7.65 -36.61
C VAL B 38 -5.22 -8.56 -37.46
N TYR B 39 -3.90 -8.41 -37.27
CA TYR B 39 -2.94 -9.32 -37.90
C TYR B 39 -2.47 -10.37 -36.89
N TYR B 40 -2.18 -9.96 -35.67
CA TYR B 40 -1.80 -10.87 -34.61
C TYR B 40 -2.60 -10.60 -33.36
N ALA B 41 -3.09 -11.67 -32.75
CA ALA B 41 -3.81 -11.60 -31.49
C ALA B 41 -3.13 -12.51 -30.49
N SER B 42 -2.72 -11.96 -29.36
CA SER B 42 -2.03 -12.75 -28.38
C SER B 42 -2.99 -13.45 -27.42
N LEU B 43 -2.46 -14.49 -26.79
CA LEU B 43 -3.17 -15.16 -25.71
C LEU B 43 -2.62 -14.67 -24.39
N ASN B 44 -3.53 -14.44 -23.44
CA ASN B 44 -3.17 -14.11 -22.07
C ASN B 44 -3.80 -15.07 -21.10
N PHE B 45 -3.29 -15.07 -19.87
CA PHE B 45 -3.75 -16.01 -18.87
C PHE B 45 -5.29 -15.97 -18.73
N ARG B 46 -5.84 -14.76 -18.75
CA ARG B 46 -7.28 -14.57 -18.64
C ARG B 46 -8.05 -15.37 -19.71
N ASP B 47 -7.49 -15.44 -20.91
CA ASP B 47 -8.13 -16.17 -22.00
C ASP B 47 -8.26 -17.65 -21.68
N ILE B 48 -7.21 -18.22 -21.10
CA ILE B 48 -7.28 -19.60 -20.71
C ILE B 48 -8.33 -19.78 -19.61
N MET B 49 -8.39 -18.84 -18.66
CA MET B 49 -9.33 -18.95 -17.55
C MET B 49 -10.77 -18.84 -18.04
N LEU B 50 -11.00 -17.96 -19.02
CA LEU B 50 -12.33 -17.83 -19.62
C LEU B 50 -12.71 -19.10 -20.38
N ALA B 51 -11.80 -19.60 -21.20
CA ALA B 51 -12.07 -20.76 -22.04
C ALA B 51 -12.38 -22.02 -21.22
N THR B 52 -11.76 -22.13 -20.05
CA THR B 52 -11.96 -23.32 -19.21
C THR B 52 -13.12 -23.13 -18.27
N GLY B 53 -13.67 -21.93 -18.22
CA GLY B 53 -14.79 -21.64 -17.35
C GLY B 53 -14.35 -21.36 -15.93
N LYS B 54 -13.05 -21.24 -15.72
CA LYS B 54 -12.54 -20.98 -14.38
C LYS B 54 -12.74 -19.52 -14.03
N LEU B 55 -12.88 -18.68 -15.05
CA LEU B 55 -13.23 -17.29 -14.84
C LEU B 55 -14.56 -17.09 -15.54
N SER B 56 -15.52 -16.45 -14.87
CA SER B 56 -16.82 -16.21 -15.45
C SER B 56 -16.82 -14.95 -16.31
N PRO B 57 -17.53 -14.97 -17.45
CA PRO B 57 -17.63 -13.76 -18.26
C PRO B 57 -18.13 -12.56 -17.46
N ASP B 58 -18.95 -12.82 -16.43
CA ASP B 58 -19.49 -11.76 -15.60
C ASP B 58 -18.38 -11.06 -14.80
N ALA B 59 -17.25 -11.74 -14.64
CA ALA B 59 -16.10 -11.15 -13.94
C ALA B 59 -15.36 -10.17 -14.84
N ILE B 60 -15.66 -10.20 -16.14
CA ILE B 60 -14.93 -9.39 -17.11
C ILE B 60 -15.53 -7.98 -17.20
N PRO B 61 -14.71 -6.94 -16.94
CA PRO B 61 -15.22 -5.57 -17.03
C PRO B 61 -15.53 -5.14 -18.46
N ASP B 68 -20.74 -11.56 -26.94
CA ASP B 68 -20.76 -13.02 -27.01
C ASP B 68 -19.44 -13.61 -26.47
N SER B 69 -18.40 -13.66 -27.31
CA SER B 69 -17.12 -14.24 -26.86
C SER B 69 -16.22 -13.12 -26.35
N LEU B 70 -15.64 -13.33 -25.18
CA LEU B 70 -14.78 -12.34 -24.55
C LEU B 70 -13.29 -12.66 -24.72
N LEU B 71 -12.97 -13.59 -25.62
CA LEU B 71 -11.58 -14.02 -25.76
C LEU B 71 -10.74 -12.98 -26.49
N GLY B 72 -9.57 -12.71 -25.92
CA GLY B 72 -8.59 -11.83 -26.53
C GLY B 72 -8.66 -10.43 -25.97
N MET B 73 -7.55 -9.95 -25.42
CA MET B 73 -7.49 -8.56 -24.96
C MET B 73 -6.33 -7.79 -25.55
N GLU B 74 -5.66 -8.36 -26.56
CA GLU B 74 -4.38 -7.81 -27.00
C GLU B 74 -4.09 -8.14 -28.49
N PHE B 75 -3.69 -7.14 -29.27
CA PHE B 75 -3.49 -7.36 -30.70
C PHE B 75 -2.50 -6.40 -31.33
N SER B 76 -2.06 -6.75 -32.53
CA SER B 76 -1.38 -5.82 -33.43
C SER B 76 -2.00 -5.96 -34.80
N GLY B 77 -1.94 -4.90 -35.57
CA GLY B 77 -2.51 -4.92 -36.91
C GLY B 77 -2.41 -3.55 -37.53
N ARG B 78 -3.38 -3.21 -38.35
CA ARG B 78 -3.34 -1.94 -39.06
C ARG B 78 -4.62 -1.19 -38.85
N ASP B 79 -4.54 0.13 -38.72
CA ASP B 79 -5.77 0.92 -38.70
C ASP B 79 -6.22 1.18 -40.15
N ALA B 80 -7.27 1.96 -40.31
CA ALA B 80 -7.88 2.15 -41.63
C ALA B 80 -6.98 2.92 -42.61
N SER B 81 -6.00 3.64 -42.09
CA SER B 81 -5.05 4.38 -42.91
C SER B 81 -3.87 3.51 -43.34
N GLY B 82 -3.80 2.30 -42.78
CA GLY B 82 -2.76 1.35 -43.13
C GLY B 82 -1.62 1.39 -42.14
N LYS B 83 -1.72 2.26 -41.15
CA LYS B 83 -0.66 2.42 -40.15
C LYS B 83 -0.62 1.21 -39.21
N ARG B 84 0.59 0.75 -38.88
CA ARG B 84 0.75 -0.39 -37.99
C ARG B 84 0.53 0.06 -36.54
N VAL B 85 -0.36 -0.63 -35.84
CA VAL B 85 -0.73 -0.28 -34.46
C VAL B 85 -0.80 -1.52 -33.58
N MET B 86 -0.75 -1.31 -32.29
CA MET B 86 -0.98 -2.38 -31.33
C MET B 86 -1.85 -1.84 -30.22
N GLY B 87 -2.57 -2.70 -29.54
CA GLY B 87 -3.45 -2.22 -28.50
C GLY B 87 -4.02 -3.27 -27.56
N LEU B 88 -4.76 -2.71 -26.60
CA LEU B 88 -5.53 -3.43 -25.60
C LEU B 88 -7.01 -3.29 -25.86
N VAL B 89 -7.76 -4.36 -25.70
CA VAL B 89 -9.21 -4.27 -25.75
C VAL B 89 -9.77 -5.00 -24.56
N PRO B 90 -10.95 -4.58 -24.08
CA PRO B 90 -11.48 -5.26 -22.90
C PRO B 90 -11.85 -6.70 -23.20
N ALA B 91 -12.18 -6.96 -24.47
CA ALA B 91 -12.55 -8.30 -24.89
C ALA B 91 -12.61 -8.31 -26.41
N LYS B 92 -12.72 -9.51 -26.97
CA LYS B 92 -12.92 -9.74 -28.41
C LYS B 92 -11.70 -9.37 -29.23
N GLY B 93 -10.52 -9.48 -28.64
CA GLY B 93 -9.30 -9.24 -29.38
C GLY B 93 -8.98 -10.39 -30.33
N LEU B 94 -9.45 -11.59 -30.01
CA LEU B 94 -9.23 -12.75 -30.87
C LEU B 94 -10.30 -12.75 -31.94
N ALA B 95 -10.06 -11.92 -32.95
CA ALA B 95 -11.04 -11.62 -34.00
C ALA B 95 -10.30 -11.03 -35.19
N THR B 96 -10.98 -10.88 -36.32
CA THR B 96 -10.34 -10.36 -37.52
C THR B 96 -10.32 -8.84 -37.56
N SER B 97 -11.15 -8.21 -36.74
CA SER B 97 -11.10 -6.77 -36.59
C SER B 97 -11.56 -6.40 -35.20
N VAL B 98 -11.15 -5.22 -34.78
CA VAL B 98 -11.52 -4.67 -33.50
C VAL B 98 -11.88 -3.20 -33.65
N LEU B 99 -12.77 -2.77 -32.77
CA LEU B 99 -13.16 -1.38 -32.66
C LEU B 99 -12.83 -0.91 -31.25
N LEU B 100 -11.99 0.11 -31.13
CA LEU B 100 -11.52 0.49 -29.81
C LEU B 100 -11.18 1.97 -29.73
N SER B 101 -11.16 2.45 -28.49
CA SER B 101 -10.76 3.82 -28.19
C SER B 101 -9.29 4.03 -28.55
N PRO B 102 -8.96 5.19 -29.13
CA PRO B 102 -7.54 5.46 -29.42
C PRO B 102 -6.70 5.58 -28.15
N ASP B 103 -7.35 5.71 -26.98
CA ASP B 103 -6.61 5.74 -25.73
C ASP B 103 -5.92 4.41 -25.44
N PHE B 104 -6.29 3.37 -26.19
CA PHE B 104 -5.73 2.04 -25.98
C PHE B 104 -4.91 1.53 -27.17
N LEU B 105 -4.49 2.46 -28.03
CA LEU B 105 -3.65 2.16 -29.19
C LEU B 105 -2.29 2.83 -29.11
N TRP B 106 -1.27 2.12 -29.58
CA TRP B 106 0.03 2.71 -29.83
C TRP B 106 0.51 2.42 -31.24
N ASP B 107 1.29 3.33 -31.81
CA ASP B 107 2.01 3.06 -33.03
C ASP B 107 3.06 1.96 -32.83
N VAL B 108 3.17 1.07 -33.80
CA VAL B 108 4.23 0.06 -33.79
C VAL B 108 5.51 0.65 -34.37
N PRO B 109 6.64 0.56 -33.64
CA PRO B 109 7.91 1.05 -34.17
C PRO B 109 8.39 0.36 -35.44
N SER B 110 9.09 1.13 -36.27
CA SER B 110 9.61 0.67 -37.55
CA SER B 110 9.59 0.65 -37.55
C SER B 110 10.51 -0.56 -37.41
N ASN B 111 11.12 -0.72 -36.24
CA ASN B 111 12.05 -1.84 -36.03
C ASN B 111 11.38 -3.11 -35.54
N TRP B 112 10.06 -3.06 -35.33
CA TRP B 112 9.34 -4.25 -34.86
C TRP B 112 8.48 -4.88 -35.96
N THR B 113 8.37 -6.20 -35.93
CA THR B 113 7.34 -6.90 -36.69
C THR B 113 6.00 -6.78 -35.98
N LEU B 114 4.91 -6.93 -36.73
CA LEU B 114 3.60 -7.03 -36.09
C LEU B 114 3.51 -8.23 -35.18
N GLU B 115 4.17 -9.31 -35.59
CA GLU B 115 4.20 -10.54 -34.80
C GLU B 115 4.63 -10.25 -33.36
N GLU B 116 5.72 -9.54 -33.20
CA GLU B 116 6.24 -9.27 -31.87
C GLU B 116 5.56 -8.08 -31.18
N ALA B 117 5.01 -7.16 -31.96
CA ALA B 117 4.28 -6.02 -31.39
C ALA B 117 3.08 -6.51 -30.54
N ALA B 118 2.50 -7.63 -30.92
CA ALA B 118 1.34 -8.17 -30.18
C ALA B 118 1.71 -8.69 -28.79
N SER B 119 3.00 -8.76 -28.47
CA SER B 119 3.40 -9.24 -27.15
C SER B 119 3.59 -8.11 -26.14
N VAL B 120 3.36 -6.87 -26.53
CA VAL B 120 3.80 -5.75 -25.73
C VAL B 120 2.73 -5.06 -24.84
N PRO B 121 1.54 -4.74 -25.37
CA PRO B 121 0.65 -3.89 -24.56
C PRO B 121 0.29 -4.36 -23.15
N VAL B 122 -0.10 -5.63 -22.98
CA VAL B 122 -0.49 -6.08 -21.65
C VAL B 122 0.67 -6.06 -20.65
N VAL B 123 1.77 -6.72 -20.97
CA VAL B 123 2.79 -6.87 -19.94
C VAL B 123 3.44 -5.55 -19.57
N TYR B 124 3.66 -4.65 -20.53
CA TYR B 124 4.27 -3.37 -20.21
C TYR B 124 3.25 -2.40 -19.59
N SER B 125 1.99 -2.45 -19.98
CA SER B 125 0.99 -1.62 -19.29
C SER B 125 0.89 -2.05 -17.82
N THR B 126 0.87 -3.37 -17.60
CA THR B 126 0.75 -3.92 -16.27
C THR B 126 2.00 -3.53 -15.47
N ALA B 127 3.17 -3.67 -16.07
CA ALA B 127 4.40 -3.45 -15.31
C ALA B 127 4.59 -1.98 -14.98
N TYR B 128 4.32 -1.09 -15.92
CA TYR B 128 4.41 0.35 -15.65
C TYR B 128 3.39 0.77 -14.59
N TYR B 129 2.16 0.28 -14.72
CA TYR B 129 1.12 0.60 -13.73
C TYR B 129 1.58 0.14 -12.33
N ALA B 130 2.05 -1.10 -12.24
CA ALA B 130 2.45 -1.69 -10.96
C ALA B 130 3.65 -0.98 -10.36
N LEU B 131 4.71 -0.82 -11.15
CA LEU B 131 5.97 -0.28 -10.63
C LEU B 131 5.94 1.24 -10.44
N VAL B 132 5.39 1.96 -11.41
CA VAL B 132 5.50 3.42 -11.39
C VAL B 132 4.29 4.06 -10.76
N VAL B 133 3.10 3.82 -11.33
CA VAL B 133 1.91 4.48 -10.82
C VAL B 133 1.60 4.04 -9.38
N ARG B 134 1.59 2.74 -9.14
CA ARG B 134 1.22 2.22 -7.84
C ARG B 134 2.43 2.16 -6.90
N GLY B 135 3.49 1.50 -7.35
CA GLY B 135 4.66 1.31 -6.49
C GLY B 135 5.50 2.55 -6.29
N ARG B 136 5.38 3.52 -7.21
CA ARG B 136 6.17 4.75 -7.17
C ARG B 136 7.66 4.46 -7.02
N VAL B 137 8.17 3.55 -7.84
CA VAL B 137 9.56 3.16 -7.80
C VAL B 137 10.45 4.37 -8.07
N ARG B 138 11.52 4.51 -7.31
CA ARG B 138 12.44 5.62 -7.51
C ARG B 138 13.78 5.05 -7.96
N PRO B 139 14.51 5.82 -8.78
CA PRO B 139 15.84 5.41 -9.25
C PRO B 139 16.73 4.95 -8.11
N GLY B 140 17.40 3.81 -8.30
CA GLY B 140 18.33 3.29 -7.32
C GLY B 140 17.72 2.39 -6.25
N GLU B 141 16.39 2.31 -6.23
CA GLU B 141 15.74 1.44 -5.26
C GLU B 141 16.03 -0.01 -5.60
N THR B 142 15.79 -0.91 -4.64
N THR B 142 15.78 -0.88 -4.62
CA THR B 142 16.04 -2.33 -4.83
CA THR B 142 15.98 -2.32 -4.76
C THR B 142 14.73 -3.09 -4.93
C THR B 142 14.65 -3.00 -5.02
N LEU B 143 14.62 -3.91 -5.97
CA LEU B 143 13.43 -4.72 -6.24
C LEU B 143 13.70 -6.22 -6.25
N LEU B 144 12.70 -6.97 -5.79
CA LEU B 144 12.60 -8.38 -6.04
C LEU B 144 11.43 -8.65 -7.00
N ILE B 145 11.75 -9.16 -8.18
CA ILE B 145 10.75 -9.46 -9.20
C ILE B 145 10.63 -10.96 -9.34
N HIS B 146 9.56 -11.56 -8.84
CA HIS B 146 9.45 -13.01 -8.88
C HIS B 146 9.12 -13.48 -10.29
N SER B 147 9.62 -14.66 -10.64
CA SER B 147 9.33 -15.26 -11.94
C SER B 147 9.66 -14.32 -13.08
N GLY B 148 10.91 -13.90 -13.13
CA GLY B 148 11.39 -12.91 -14.04
C GLY B 148 11.24 -13.24 -15.52
N SER B 149 11.15 -14.51 -15.88
CA SER B 149 11.00 -14.89 -17.28
C SER B 149 9.53 -14.84 -17.70
N GLY B 150 8.63 -14.69 -16.74
CA GLY B 150 7.24 -14.45 -17.08
C GLY B 150 7.06 -13.13 -17.81
N GLY B 151 5.99 -13.00 -18.55
CA GLY B 151 5.81 -11.79 -19.35
C GLY B 151 5.90 -10.48 -18.57
N VAL B 152 5.14 -10.40 -17.48
CA VAL B 152 5.09 -9.18 -16.70
C VAL B 152 6.42 -8.98 -16.00
N GLY B 153 7.02 -10.08 -15.53
CA GLY B 153 8.34 -10.02 -14.89
C GLY B 153 9.42 -9.44 -15.79
N GLN B 154 9.47 -9.89 -17.04
CA GLN B 154 10.44 -9.37 -18.00
C GLN B 154 10.27 -7.87 -18.21
N ALA B 155 9.03 -7.43 -18.35
CA ALA B 155 8.77 -6.03 -18.55
C ALA B 155 9.18 -5.23 -17.33
N ALA B 156 8.94 -5.78 -16.14
CA ALA B 156 9.28 -5.12 -14.90
C ALA B 156 10.80 -5.03 -14.76
N ILE B 157 11.51 -6.08 -15.14
CA ILE B 157 12.97 -6.02 -15.11
C ILE B 157 13.50 -4.91 -16.04
N ALA B 158 13.00 -4.84 -17.27
CA ALA B 158 13.41 -3.79 -18.20
C ALA B 158 13.20 -2.40 -17.61
N ILE B 159 12.04 -2.19 -17.01
CA ILE B 159 11.72 -0.90 -16.43
C ILE B 159 12.63 -0.58 -15.23
N ALA B 160 12.78 -1.54 -14.33
CA ALA B 160 13.63 -1.33 -13.15
C ALA B 160 15.07 -1.01 -13.56
N LEU B 161 15.61 -1.76 -14.51
CA LEU B 161 16.96 -1.50 -14.99
C LEU B 161 17.05 -0.09 -15.63
N SER B 162 15.99 0.31 -16.34
CA SER B 162 15.99 1.63 -17.00
C SER B 162 16.06 2.77 -15.99
N LEU B 163 15.65 2.50 -14.76
CA LEU B 163 15.73 3.48 -13.67
C LEU B 163 16.97 3.28 -12.80
N GLY B 164 17.88 2.41 -13.21
CA GLY B 164 19.09 2.21 -12.45
C GLY B 164 18.83 1.55 -11.11
N CYS B 165 17.77 0.75 -11.05
CA CYS B 165 17.46 0.02 -9.82
C CYS B 165 18.33 -1.21 -9.68
N ARG B 166 18.51 -1.64 -8.43
CA ARG B 166 19.14 -2.92 -8.16
C ARG B 166 18.05 -3.96 -8.21
N VAL B 167 18.23 -4.94 -9.09
CA VAL B 167 17.22 -5.94 -9.38
C VAL B 167 17.64 -7.29 -8.91
N PHE B 168 16.76 -7.91 -8.14
CA PHE B 168 16.82 -9.33 -7.86
C PHE B 168 15.63 -9.99 -8.52
N THR B 169 15.83 -11.18 -9.04
CA THR B 169 14.69 -11.87 -9.67
C THR B 169 14.77 -13.37 -9.42
N THR B 170 13.62 -14.01 -9.26
CA THR B 170 13.58 -15.46 -9.16
C THR B 170 13.15 -16.09 -10.49
N VAL B 171 13.73 -17.25 -10.76
CA VAL B 171 13.44 -18.00 -11.98
C VAL B 171 13.16 -19.46 -11.65
N GLY B 172 12.38 -20.11 -12.51
CA GLY B 172 11.96 -21.46 -12.27
C GLY B 172 12.92 -22.54 -12.77
N SER B 173 13.89 -22.14 -13.60
CA SER B 173 14.86 -23.11 -14.12
C SER B 173 16.17 -22.42 -14.50
N ALA B 174 17.24 -23.22 -14.67
CA ALA B 174 18.50 -22.67 -15.14
C ALA B 174 18.36 -22.09 -16.54
N GLU B 175 17.50 -22.71 -17.36
CA GLU B 175 17.27 -22.24 -18.70
C GLU B 175 16.59 -20.88 -18.71
N LYS B 176 15.66 -20.66 -17.79
CA LYS B 176 15.04 -19.35 -17.62
C LYS B 176 16.07 -18.31 -17.14
N ARG B 177 17.03 -18.74 -16.32
CA ARG B 177 18.08 -17.80 -15.93
C ARG B 177 18.91 -17.40 -17.15
N ALA B 178 19.30 -18.40 -17.95
CA ALA B 178 20.12 -18.15 -19.13
C ALA B 178 19.38 -17.22 -20.08
N TYR B 179 18.08 -17.46 -20.21
CA TYR B 179 17.24 -16.59 -21.00
C TYR B 179 17.33 -15.14 -20.52
N LEU B 180 17.18 -14.92 -19.22
CA LEU B 180 17.24 -13.57 -18.70
C LEU B 180 18.62 -12.95 -18.82
N GLN B 181 19.66 -13.78 -18.68
CA GLN B 181 21.01 -13.29 -18.87
C GLN B 181 21.22 -12.78 -20.29
N ALA B 182 20.73 -13.54 -21.28
CA ALA B 182 20.81 -13.13 -22.69
C ALA B 182 20.01 -11.85 -22.98
N ARG B 183 18.82 -11.77 -22.45
CA ARG B 183 17.97 -10.59 -22.65
C ARG B 183 18.47 -9.33 -21.93
N PHE B 184 19.01 -9.52 -20.74
CA PHE B 184 19.44 -8.42 -19.88
C PHE B 184 20.91 -8.56 -19.45
N PRO B 185 21.86 -8.11 -20.29
CA PRO B 185 23.29 -8.22 -19.93
C PRO B 185 23.65 -7.51 -18.61
N GLN B 186 22.83 -6.56 -18.18
CA GLN B 186 23.12 -5.85 -16.94
C GLN B 186 22.98 -6.75 -15.71
N LEU B 187 22.23 -7.84 -15.83
CA LEU B 187 22.05 -8.76 -14.70
C LEU B 187 23.31 -9.58 -14.44
N ASP B 188 23.77 -9.59 -13.19
CA ASP B 188 24.92 -10.40 -12.82
C ASP B 188 24.46 -11.62 -12.04
N SER B 189 25.40 -12.46 -11.67
CA SER B 189 25.07 -13.77 -11.14
C SER B 189 24.25 -13.64 -9.85
N THR B 190 24.52 -12.58 -9.10
CA THR B 190 23.87 -12.36 -7.81
C THR B 190 22.44 -11.84 -7.96
N SER B 191 22.06 -11.53 -9.19
CA SER B 191 20.69 -11.08 -9.44
C SER B 191 19.68 -12.20 -9.30
N PHE B 192 20.15 -13.44 -9.47
CA PHE B 192 19.27 -14.59 -9.56
C PHE B 192 19.11 -15.43 -8.30
N ALA B 193 17.86 -15.83 -8.04
CA ALA B 193 17.54 -16.81 -7.01
C ALA B 193 16.41 -17.74 -7.46
N ASN B 194 16.04 -18.70 -6.61
CA ASN B 194 15.12 -19.74 -7.05
C ASN B 194 13.67 -19.33 -6.77
N SER B 195 12.77 -19.52 -7.74
CA SER B 195 11.35 -19.24 -7.50
C SER B 195 10.63 -20.46 -6.92
N ARG B 196 11.30 -21.61 -6.91
CA ARG B 196 10.65 -22.87 -6.55
C ARG B 196 10.80 -23.24 -5.08
N ASP B 197 11.44 -22.36 -4.32
CA ASP B 197 11.48 -22.51 -2.87
C ASP B 197 11.59 -21.13 -2.24
N THR B 198 11.93 -21.09 -0.95
CA THR B 198 12.05 -19.85 -0.22
C THR B 198 13.51 -19.42 0.00
N SER B 199 14.46 -20.07 -0.68
CA SER B 199 15.88 -19.72 -0.53
C SER B 199 16.19 -18.30 -1.07
N PHE B 200 15.27 -17.73 -1.84
CA PHE B 200 15.46 -16.37 -2.36
C PHE B 200 15.48 -15.38 -1.18
N GLU B 201 14.83 -15.75 -0.08
CA GLU B 201 14.81 -14.90 1.11
C GLU B 201 16.20 -14.67 1.68
N GLN B 202 16.92 -15.75 1.94
CA GLN B 202 18.26 -15.64 2.51
C GLN B 202 19.17 -14.94 1.50
N HIS B 203 18.95 -15.22 0.23
CA HIS B 203 19.77 -14.63 -0.82
C HIS B 203 19.61 -13.11 -0.85
N VAL B 204 18.37 -12.64 -0.85
CA VAL B 204 18.08 -11.21 -0.94
C VAL B 204 18.51 -10.49 0.34
N LEU B 205 18.31 -11.11 1.49
CA LEU B 205 18.74 -10.51 2.75
C LEU B 205 20.26 -10.34 2.78
N TRP B 206 20.98 -11.37 2.36
CA TRP B 206 22.44 -11.30 2.36
C TRP B 206 22.97 -10.22 1.42
N HIS B 207 22.40 -10.13 0.22
CA HIS B 207 22.94 -9.19 -0.75
C HIS B 207 22.41 -7.79 -0.57
N THR B 208 21.54 -7.59 0.41
CA THR B 208 21.10 -6.25 0.77
C THR B 208 21.57 -5.91 2.16
N GLY B 209 22.46 -6.73 2.70
CA GLY B 209 23.01 -6.51 4.04
C GLY B 209 21.99 -6.61 5.15
N GLY B 210 20.97 -7.44 4.94
CA GLY B 210 19.92 -7.65 5.91
C GLY B 210 18.84 -6.57 5.89
N LYS B 211 18.98 -5.62 4.97
CA LYS B 211 18.03 -4.51 4.92
C LYS B 211 16.75 -4.88 4.14
N GLY B 212 16.85 -5.79 3.18
CA GLY B 212 15.68 -6.21 2.42
C GLY B 212 15.48 -5.35 1.19
N VAL B 213 14.38 -5.59 0.48
CA VAL B 213 14.11 -4.84 -0.75
C VAL B 213 12.98 -3.83 -0.57
N ASP B 214 13.03 -2.81 -1.42
CA ASP B 214 12.06 -1.72 -1.38
C ASP B 214 10.71 -2.12 -2.00
N LEU B 215 10.75 -2.96 -3.03
CA LEU B 215 9.55 -3.41 -3.74
C LEU B 215 9.65 -4.90 -4.08
N VAL B 216 8.56 -5.60 -3.89
CA VAL B 216 8.42 -6.96 -4.37
C VAL B 216 7.28 -6.97 -5.40
N LEU B 217 7.55 -7.54 -6.57
CA LEU B 217 6.50 -7.81 -7.56
C LEU B 217 6.19 -9.31 -7.50
N ASN B 218 4.99 -9.65 -7.04
CA ASN B 218 4.69 -11.04 -6.67
C ASN B 218 3.58 -11.74 -7.45
N SER B 219 3.87 -13.01 -7.77
CA SER B 219 2.94 -13.91 -8.43
C SER B 219 3.01 -15.32 -7.80
N LEU B 220 3.75 -15.44 -6.69
CA LEU B 220 3.92 -16.73 -6.03
C LEU B 220 2.90 -16.92 -4.90
N ALA B 221 2.93 -18.08 -4.24
CA ALA B 221 1.88 -18.47 -3.30
C ALA B 221 2.37 -19.01 -1.95
N GLU B 222 1.39 -19.23 -1.07
CA GLU B 222 1.56 -19.82 0.25
C GLU B 222 2.84 -19.48 1.00
N GLU B 223 3.78 -20.41 1.04
CA GLU B 223 4.95 -20.20 1.89
C GLU B 223 5.94 -19.26 1.20
N LYS B 224 5.89 -19.21 -0.12
CA LYS B 224 6.76 -18.33 -0.88
C LYS B 224 6.26 -16.89 -0.75
N LEU B 225 4.96 -16.74 -0.55
CA LEU B 225 4.39 -15.42 -0.31
C LEU B 225 4.87 -14.88 1.04
N GLN B 226 4.80 -15.71 2.07
CA GLN B 226 5.24 -15.33 3.40
C GLN B 226 6.73 -14.94 3.40
N ALA B 227 7.54 -15.69 2.65
CA ALA B 227 8.96 -15.42 2.54
C ALA B 227 9.21 -14.08 1.83
N SER B 228 8.35 -13.76 0.87
CA SER B 228 8.44 -12.51 0.15
C SER B 228 8.15 -11.34 1.05
N VAL B 229 7.19 -11.49 1.96
CA VAL B 229 6.87 -10.40 2.86
C VAL B 229 8.09 -10.16 3.76
N ARG B 230 8.71 -11.23 4.23
CA ARG B 230 9.92 -11.12 5.05
C ARG B 230 11.11 -10.48 4.29
N CYS B 231 11.05 -10.43 2.96
CA CYS B 231 12.12 -9.83 2.16
C CYS B 231 12.10 -8.31 2.12
N LEU B 232 10.96 -7.74 2.50
CA LEU B 232 10.77 -6.31 2.39
C LEU B 232 11.60 -5.52 3.40
N ALA B 233 12.17 -4.42 2.93
CA ALA B 233 12.73 -3.39 3.79
C ALA B 233 11.62 -2.66 4.52
N THR B 234 11.95 -1.93 5.57
CA THR B 234 10.97 -1.04 6.16
C THR B 234 10.44 -0.09 5.10
N HIS B 235 9.14 0.18 5.15
CA HIS B 235 8.39 0.90 4.13
C HIS B 235 8.32 0.18 2.78
N GLY B 236 8.66 -1.11 2.74
CA GLY B 236 8.59 -1.84 1.49
C GLY B 236 7.20 -1.89 0.91
N ARG B 237 7.11 -2.05 -0.40
CA ARG B 237 5.83 -2.13 -1.11
C ARG B 237 5.73 -3.52 -1.74
N PHE B 238 4.61 -4.18 -1.51
CA PHE B 238 4.34 -5.50 -2.05
C PHE B 238 3.29 -5.38 -3.16
N LEU B 239 3.71 -5.67 -4.39
CA LEU B 239 2.87 -5.51 -5.56
C LEU B 239 2.34 -6.88 -6.01
N GLU B 240 1.05 -7.11 -5.85
CA GLU B 240 0.46 -8.39 -6.20
C GLU B 240 -0.29 -8.22 -7.52
N ILE B 241 0.15 -8.92 -8.56
CA ILE B 241 -0.55 -8.94 -9.83
C ILE B 241 -1.68 -9.95 -9.76
N GLY B 242 -2.91 -9.45 -9.87
CA GLY B 242 -4.09 -10.27 -9.72
C GLY B 242 -4.20 -11.30 -10.83
N MET B 254 2.25 -9.43 11.98
CA MET B 254 2.96 -8.59 12.96
C MET B 254 4.05 -7.78 12.27
N ALA B 255 4.89 -8.46 11.50
CA ALA B 255 5.93 -7.82 10.70
C ALA B 255 5.38 -6.77 9.73
N ILE B 256 4.17 -7.02 9.21
CA ILE B 256 3.54 -6.08 8.28
C ILE B 256 3.45 -4.69 8.90
N PHE B 257 3.24 -4.64 10.21
CA PHE B 257 3.09 -3.37 10.89
C PHE B 257 4.44 -2.86 11.38
N LEU B 258 5.24 -3.75 11.94
CA LEU B 258 6.58 -3.39 12.41
C LEU B 258 7.40 -2.76 11.27
N LYS B 259 7.24 -3.32 10.07
CA LYS B 259 7.99 -2.82 8.91
C LYS B 259 7.19 -1.81 8.08
N ASN B 260 5.99 -1.49 8.51
CA ASN B 260 5.21 -0.46 7.85
C ASN B 260 5.10 -0.70 6.36
N VAL B 261 4.63 -1.89 6.05
CA VAL B 261 4.53 -2.38 4.67
C VAL B 261 3.22 -1.92 4.02
N THR B 262 3.26 -1.76 2.71
CA THR B 262 2.08 -1.45 1.93
C THR B 262 1.85 -2.55 0.90
N PHE B 263 0.60 -3.03 0.80
N PHE B 263 0.61 -3.03 0.82
CA PHE B 263 0.22 -4.07 -0.15
CA PHE B 263 0.21 -4.04 -0.16
C PHE B 263 -0.69 -3.49 -1.24
C PHE B 263 -0.62 -3.38 -1.24
N HIS B 264 -0.31 -3.71 -2.49
CA HIS B 264 -1.09 -3.26 -3.63
C HIS B 264 -1.69 -4.44 -4.38
N GLY B 265 -3.01 -4.47 -4.49
CA GLY B 265 -3.68 -5.38 -5.41
C GLY B 265 -3.70 -4.69 -6.76
N VAL B 266 -3.22 -5.38 -7.80
CA VAL B 266 -3.08 -4.77 -9.11
C VAL B 266 -3.86 -5.57 -10.15
N LEU B 267 -4.82 -4.93 -10.81
CA LEU B 267 -5.54 -5.56 -11.89
C LEU B 267 -5.68 -4.57 -13.05
N LEU B 268 -4.97 -4.85 -14.15
CA LEU B 268 -4.97 -3.94 -15.28
C LEU B 268 -6.34 -3.75 -15.88
N ASP B 269 -7.08 -4.83 -16.06
CA ASP B 269 -8.31 -4.77 -16.86
C ASP B 269 -9.39 -3.88 -16.20
N ALA B 270 -9.24 -3.57 -14.92
CA ALA B 270 -10.14 -2.63 -14.26
C ALA B 270 -10.25 -1.30 -15.04
N PHE B 271 -9.23 -0.96 -15.81
CA PHE B 271 -9.19 0.33 -16.52
C PHE B 271 -10.17 0.39 -17.69
N PHE B 272 -10.64 -0.77 -18.11
CA PHE B 272 -11.56 -0.85 -19.25
C PHE B 272 -12.94 -0.32 -18.90
N ALA B 277 -7.88 8.94 -15.68
CA ALA B 277 -6.79 9.91 -15.81
C ALA B 277 -5.52 9.16 -15.46
N ASP B 278 -5.64 8.19 -14.57
CA ASP B 278 -4.56 7.28 -14.24
C ASP B 278 -4.15 6.45 -15.46
N TRP B 279 -5.14 6.00 -16.23
CA TRP B 279 -4.82 5.18 -17.41
C TRP B 279 -3.94 5.97 -18.39
N ARG B 280 -4.28 7.24 -18.62
CA ARG B 280 -3.51 8.05 -19.55
C ARG B 280 -2.05 8.20 -19.11
N GLU B 281 -1.81 8.11 -17.80
CA GLU B 281 -0.44 8.12 -17.29
C GLU B 281 0.26 6.85 -17.73
N VAL B 282 -0.44 5.72 -17.66
CA VAL B 282 0.13 4.45 -18.06
C VAL B 282 0.43 4.42 -19.55
N TRP B 283 -0.54 4.91 -20.34
CA TRP B 283 -0.36 5.02 -21.78
C TRP B 283 0.89 5.83 -22.13
N ALA B 284 1.09 6.93 -21.42
CA ALA B 284 2.22 7.82 -21.69
C ALA B 284 3.53 7.15 -21.29
N LEU B 285 3.50 6.39 -20.19
CA LEU B 285 4.68 5.67 -19.74
C LEU B 285 5.10 4.62 -20.76
N VAL B 286 4.13 3.84 -21.26
CA VAL B 286 4.43 2.86 -22.29
C VAL B 286 5.00 3.54 -23.54
N GLN B 287 4.34 4.57 -24.03
CA GLN B 287 4.80 5.29 -25.21
C GLN B 287 6.22 5.84 -25.02
N ALA B 288 6.49 6.44 -23.88
CA ALA B 288 7.82 6.97 -23.60
C ALA B 288 8.84 5.83 -23.56
N GLY B 289 8.43 4.70 -22.97
CA GLY B 289 9.32 3.55 -22.86
C GLY B 289 9.62 2.97 -24.23
N ILE B 290 8.64 3.05 -25.13
CA ILE B 290 8.87 2.60 -26.50
C ILE B 290 9.91 3.51 -27.18
N ARG B 291 9.69 4.81 -27.11
CA ARG B 291 10.58 5.77 -27.73
C ARG B 291 11.99 5.71 -27.13
N ASP B 292 12.10 5.37 -25.85
CA ASP B 292 13.40 5.41 -25.17
C ASP B 292 14.13 4.08 -25.22
N GLY B 293 13.53 3.08 -25.87
CA GLY B 293 14.18 1.79 -26.02
C GLY B 293 14.04 0.87 -24.82
N VAL B 294 13.25 1.29 -23.83
CA VAL B 294 13.01 0.45 -22.66
C VAL B 294 12.06 -0.69 -22.98
N VAL B 295 11.01 -0.35 -23.73
CA VAL B 295 10.01 -1.34 -24.08
C VAL B 295 10.51 -2.16 -25.27
N ARG B 296 10.72 -3.45 -25.02
CA ARG B 296 11.16 -4.40 -26.05
C ARG B 296 10.19 -5.56 -26.16
N PRO B 297 9.91 -6.01 -27.40
CA PRO B 297 9.00 -7.16 -27.51
C PRO B 297 9.50 -8.41 -26.81
N LEU B 298 8.56 -9.25 -26.40
CA LEU B 298 8.89 -10.58 -25.91
C LEU B 298 9.23 -11.49 -27.09
N LYS B 299 9.79 -12.65 -26.77
CA LYS B 299 9.97 -13.71 -27.75
C LYS B 299 8.63 -14.38 -27.93
N CYS B 300 8.28 -14.67 -29.18
CA CYS B 300 6.95 -15.21 -29.47
C CYS B 300 6.94 -16.65 -30.01
N THR B 301 5.87 -17.37 -29.69
CA THR B 301 5.56 -18.66 -30.26
C THR B 301 4.30 -18.43 -31.08
N VAL B 302 4.40 -18.66 -32.38
CA VAL B 302 3.37 -18.24 -33.33
C VAL B 302 2.57 -19.43 -33.86
N PHE B 303 1.25 -19.26 -33.89
CA PHE B 303 0.35 -20.27 -34.42
C PHE B 303 -0.44 -19.66 -35.53
N HIS B 304 -0.57 -20.38 -36.63
CA HIS B 304 -1.48 -19.93 -37.70
C HIS B 304 -2.90 -19.93 -37.18
N GLY B 305 -3.75 -19.10 -37.78
CA GLY B 305 -5.12 -18.92 -37.34
C GLY B 305 -5.88 -20.22 -37.26
N ALA B 306 -5.65 -21.11 -38.23
CA ALA B 306 -6.36 -22.38 -38.26
C ALA B 306 -5.97 -23.30 -37.10
N GLN B 307 -4.88 -22.98 -36.40
CA GLN B 307 -4.42 -23.79 -35.28
C GLN B 307 -4.67 -23.07 -33.95
N VAL B 308 -5.73 -22.27 -33.89
CA VAL B 308 -6.00 -21.54 -32.64
C VAL B 308 -6.24 -22.49 -31.48
N GLU B 309 -6.85 -23.64 -31.72
CA GLU B 309 -7.03 -24.63 -30.66
C GLU B 309 -5.67 -25.05 -30.07
N ASP B 310 -4.74 -25.37 -30.96
CA ASP B 310 -3.41 -25.77 -30.55
C ASP B 310 -2.74 -24.66 -29.75
N ALA B 311 -2.97 -23.42 -30.17
CA ALA B 311 -2.39 -22.27 -29.48
C ALA B 311 -2.87 -22.22 -28.02
N PHE B 312 -4.17 -22.38 -27.81
CA PHE B 312 -4.70 -22.39 -26.45
C PHE B 312 -4.13 -23.56 -25.63
N ARG B 313 -4.09 -24.75 -26.23
CA ARG B 313 -3.57 -25.93 -25.55
C ARG B 313 -2.13 -25.71 -25.14
N TYR B 314 -1.36 -25.16 -26.08
CA TYR B 314 0.04 -24.87 -25.87
C TYR B 314 0.22 -23.86 -24.75
N MET B 315 -0.51 -22.75 -24.87
CA MET B 315 -0.49 -21.71 -23.84
C MET B 315 -0.72 -22.32 -22.45
N ALA B 316 -1.77 -23.13 -22.32
CA ALA B 316 -2.13 -23.78 -21.05
C ALA B 316 -1.05 -24.68 -20.47
N GLN B 317 -0.18 -25.24 -21.31
CA GLN B 317 0.92 -26.08 -20.85
C GLN B 317 2.01 -25.29 -20.12
N GLY B 318 2.19 -24.03 -20.50
CA GLY B 318 3.12 -23.14 -19.81
C GLY B 318 4.59 -23.51 -19.89
N LYS B 319 5.01 -24.14 -20.98
CA LYS B 319 6.41 -24.59 -21.11
C LYS B 319 7.31 -23.64 -21.92
N HIS B 320 6.72 -22.58 -22.43
CA HIS B 320 7.42 -21.59 -23.25
C HIS B 320 7.91 -20.43 -22.40
N ILE B 321 8.76 -19.59 -23.00
CA ILE B 321 9.07 -18.30 -22.42
C ILE B 321 8.62 -17.21 -23.39
N GLY B 322 7.82 -16.25 -22.90
CA GLY B 322 7.36 -15.16 -23.74
C GLY B 322 5.90 -15.30 -24.10
N LYS B 323 5.57 -14.98 -25.35
CA LYS B 323 4.17 -14.80 -25.72
C LYS B 323 3.73 -15.84 -26.72
N VAL B 324 2.48 -16.28 -26.57
CA VAL B 324 1.82 -17.12 -27.54
C VAL B 324 0.93 -16.20 -28.37
N VAL B 325 1.12 -16.22 -29.68
CA VAL B 325 0.46 -15.30 -30.59
CA VAL B 325 0.38 -15.32 -30.57
C VAL B 325 -0.19 -16.09 -31.73
N VAL B 326 -1.38 -15.65 -32.13
CA VAL B 326 -2.12 -16.24 -33.24
C VAL B 326 -1.99 -15.33 -34.45
N GLN B 327 -1.49 -15.88 -35.55
CA GLN B 327 -1.42 -15.15 -36.79
C GLN B 327 -2.78 -15.17 -37.46
N VAL B 328 -3.50 -14.07 -37.32
CA VAL B 328 -4.81 -13.95 -37.95
C VAL B 328 -4.66 -13.63 -39.42
N LEU B 329 -3.64 -12.82 -39.71
CA LEU B 329 -3.34 -12.34 -41.05
C LEU B 329 -1.82 -12.09 -41.15
N ALA B 330 -1.17 -12.60 -42.18
CA ALA B 330 0.27 -12.37 -42.33
C ALA B 330 0.57 -10.91 -42.64
N GLU B 331 1.59 -10.36 -41.98
CA GLU B 331 2.05 -9.00 -42.27
C GLU B 331 2.63 -8.89 -43.68
N GLU B 332 2.25 -7.82 -44.38
CA GLU B 332 2.76 -7.54 -45.72
C GLU B 332 4.17 -6.91 -45.67
N PRO B 333 4.93 -7.03 -46.76
CA PRO B 333 6.25 -6.39 -46.82
C PRO B 333 6.18 -4.88 -46.68
N GLU B 334 5.10 -4.28 -47.20
CA GLU B 334 4.90 -2.84 -47.12
C GLU B 334 4.81 -2.37 -45.67
N ALA B 335 5.40 -1.21 -45.40
CA ALA B 335 5.28 -0.58 -44.09
C ALA B 335 3.85 -0.10 -43.87
N VAL B 336 3.32 0.63 -44.86
CA VAL B 336 1.96 1.11 -44.81
C VAL B 336 1.19 0.53 -46.00
N LEU B 337 0.06 -0.10 -45.70
CA LEU B 337 -0.76 -0.73 -46.72
C LEU B 337 -2.21 -0.80 -46.27
CL CL C . -16.08 6.64 18.61
MG MG D . -9.44 21.28 25.83
MG MG E . 12.68 -11.09 -30.34
NA NA F . -5.37 -11.91 -24.99
#